data_3TR2
#
_entry.id   3TR2
#
_cell.length_a   40.620
_cell.length_b   99.676
_cell.length_c   110.565
_cell.angle_alpha   90.000
_cell.angle_beta   90.000
_cell.angle_gamma   90.000
#
_symmetry.space_group_name_H-M   'P 21 21 21'
#
loop_
_entity.id
_entity.type
_entity.pdbx_description
1 polymer "Orotidine 5'-phosphate decarboxylase"
2 water water
#
_entity_poly.entity_id   1
_entity_poly.type   'polypeptide(L)'
_entity_poly.pdbx_seq_one_letter_code
;SNA(MSE)EKPDPKVIVAIDAGTVEQARAQINPLTPELCHLKIGSILFTRYGPAFVEEL(MSE)QKGYRIFLDLKFYDIP
QTVAGACRAVAELGVW(MSE)(MSE)NIHISGGRT(MSE)(MSE)ETVVNALQSITLKEKPLLIGVTILTSLDGSDLKTL
GIQEKVPDIVCR(MSE)ATLAKSAGLDGVVCSAQEAALLRKQFDRNFLLVTPGIRLETDEKGDQKRV(MSE)TPRAAIQA
GSDYLVIGRPITQSTDPLKALEAIDKDIKTR
;
_entity_poly.pdbx_strand_id   A,B
#
# COMPACT_ATOMS: atom_id res chain seq x y z
N ASP A 8 -22.73 18.66 -4.73
CA ASP A 8 -21.74 17.69 -4.29
C ASP A 8 -22.32 16.82 -3.18
N PRO A 9 -22.51 15.51 -3.45
CA PRO A 9 -22.92 14.63 -2.36
C PRO A 9 -21.86 14.60 -1.26
N LYS A 10 -22.27 14.33 -0.03
CA LYS A 10 -21.33 14.32 1.08
C LYS A 10 -21.14 12.90 1.61
N VAL A 11 -21.85 11.95 1.02
CA VAL A 11 -21.67 10.55 1.39
C VAL A 11 -20.77 9.86 0.37
N ILE A 12 -19.80 9.10 0.88
CA ILE A 12 -19.00 8.22 0.05
C ILE A 12 -19.36 6.81 0.50
N VAL A 13 -19.92 6.03 -0.41
CA VAL A 13 -20.38 4.71 -0.05
C VAL A 13 -19.25 3.71 -0.23
N ALA A 14 -18.91 3.00 0.84
CA ALA A 14 -17.82 2.04 0.80
C ALA A 14 -18.34 0.77 0.15
N ILE A 15 -17.73 0.38 -0.95
CA ILE A 15 -18.19 -0.81 -1.64
C ILE A 15 -17.54 -2.03 -1.00
N ASP A 16 -18.40 -2.85 -0.42
CA ASP A 16 -18.02 -3.90 0.51
C ASP A 16 -17.43 -5.06 -0.23
N ALA A 17 -17.92 -5.23 -1.46
CA ALA A 17 -17.95 -6.53 -2.13
C ALA A 17 -16.63 -7.28 -2.30
N GLY A 18 -16.77 -8.53 -2.69
CA GLY A 18 -15.66 -9.34 -3.14
C GLY A 18 -15.59 -9.41 -4.66
N THR A 19 -16.70 -9.71 -5.31
CA THR A 19 -16.70 -9.94 -6.75
C THR A 19 -17.32 -8.80 -7.56
N VAL A 20 -16.96 -8.76 -8.84
CA VAL A 20 -17.45 -7.72 -9.74
C VAL A 20 -18.99 -7.71 -9.76
N GLU A 21 -19.59 -8.87 -9.89
CA GLU A 21 -21.05 -8.95 -9.91
C GLU A 21 -21.65 -8.49 -8.58
N GLN A 22 -21.04 -8.92 -7.48
CA GLN A 22 -21.49 -8.48 -6.16
C GLN A 22 -21.29 -6.97 -5.98
N ALA A 23 -20.18 -6.43 -6.48
CA ALA A 23 -19.96 -4.99 -6.45
C ALA A 23 -21.00 -4.24 -7.28
N ARG A 24 -21.26 -4.75 -8.48
CA ARG A 24 -22.29 -4.15 -9.33
C ARG A 24 -23.66 -4.15 -8.63
N ALA A 25 -23.99 -5.24 -7.97
CA ALA A 25 -25.27 -5.34 -7.27
C ALA A 25 -25.39 -4.29 -6.18
N GLN A 26 -24.30 -4.03 -5.46
CA GLN A 26 -24.31 -3.03 -4.41
C GLN A 26 -24.49 -1.62 -4.97
N ILE A 27 -23.90 -1.41 -6.14
CA ILE A 27 -23.86 -0.07 -6.73
C ILE A 27 -25.15 0.28 -7.47
N ASN A 28 -25.78 -0.74 -8.06
CA ASN A 28 -26.98 -0.56 -8.90
C ASN A 28 -28.06 0.35 -8.29
N PRO A 29 -28.44 0.11 -7.03
CA PRO A 29 -29.50 0.97 -6.47
C PRO A 29 -29.07 2.40 -6.13
N LEU A 30 -27.77 2.68 -6.09
CA LEU A 30 -27.32 4.02 -5.68
C LEU A 30 -27.44 4.98 -6.86
N THR A 31 -27.06 6.23 -6.66
CA THR A 31 -27.02 7.18 -7.76
C THR A 31 -25.84 8.12 -7.56
N PRO A 32 -25.19 8.53 -8.66
CA PRO A 32 -24.03 9.44 -8.56
C PRO A 32 -24.43 10.78 -7.96
N GLU A 33 -25.72 11.11 -8.04
CA GLU A 33 -26.23 12.36 -7.52
C GLU A 33 -26.19 12.34 -5.99
N LEU A 34 -26.41 11.16 -5.42
CA LEU A 34 -26.50 11.04 -3.96
C LEU A 34 -25.23 10.53 -3.27
N CYS A 35 -24.30 9.97 -4.03
CA CYS A 35 -23.05 9.52 -3.42
C CYS A 35 -21.86 9.42 -4.36
N HIS A 36 -20.67 9.41 -3.76
CA HIS A 36 -19.44 8.99 -4.42
C HIS A 36 -19.16 7.56 -3.95
N LEU A 37 -18.18 6.88 -4.54
CA LEU A 37 -17.88 5.50 -4.14
C LEU A 37 -16.45 5.35 -3.63
N LYS A 38 -16.25 4.51 -2.63
CA LYS A 38 -14.91 4.15 -2.20
C LYS A 38 -14.57 2.73 -2.61
N ILE A 39 -13.53 2.60 -3.43
CA ILE A 39 -13.06 1.32 -3.96
C ILE A 39 -11.70 1.05 -3.34
N GLY A 40 -11.54 -0.11 -2.70
CA GLY A 40 -10.33 -0.40 -1.93
C GLY A 40 -9.37 -1.41 -2.56
N SER A 41 -8.40 -1.85 -1.79
CA SER A 41 -7.31 -2.66 -2.32
C SER A 41 -7.75 -4.04 -2.81
N ILE A 42 -8.78 -4.60 -2.21
CA ILE A 42 -9.23 -5.91 -2.68
C ILE A 42 -9.79 -5.81 -4.09
N LEU A 43 -10.76 -4.92 -4.30
CA LEU A 43 -11.38 -4.78 -5.61
C LEU A 43 -10.36 -4.35 -6.66
N PHE A 44 -9.49 -3.41 -6.31
CA PHE A 44 -8.52 -2.92 -7.26
C PHE A 44 -7.46 -3.97 -7.60
N THR A 45 -7.03 -4.73 -6.60
CA THR A 45 -6.02 -5.76 -6.86
C THR A 45 -6.60 -6.88 -7.71
N ARG A 46 -7.88 -7.20 -7.50
N ARG A 46 -7.88 -7.19 -7.49
CA ARG A 46 -8.54 -8.26 -8.27
CA ARG A 46 -8.56 -8.24 -8.23
C ARG A 46 -8.85 -7.83 -9.69
C ARG A 46 -8.87 -7.84 -9.67
N TYR A 47 -9.40 -6.62 -9.85
CA TYR A 47 -9.94 -6.21 -11.14
C TYR A 47 -9.23 -5.03 -11.84
N GLY A 48 -8.33 -4.37 -11.12
CA GLY A 48 -7.52 -3.30 -11.69
C GLY A 48 -8.29 -2.08 -12.16
N PRO A 49 -7.60 -1.22 -12.93
CA PRO A 49 -8.14 0.06 -13.42
C PRO A 49 -9.41 -0.08 -14.26
N ALA A 50 -9.55 -1.19 -14.99
CA ALA A 50 -10.71 -1.34 -15.87
C ALA A 50 -12.04 -1.24 -15.10
N PHE A 51 -12.08 -1.78 -13.89
CA PHE A 51 -13.32 -1.73 -13.11
C PHE A 51 -13.59 -0.32 -12.58
N VAL A 52 -12.53 0.39 -12.21
CA VAL A 52 -12.65 1.79 -11.81
C VAL A 52 -13.21 2.64 -12.96
N GLU A 53 -12.72 2.39 -14.17
CA GLU A 53 -13.23 3.08 -15.35
C GLU A 53 -14.70 2.79 -15.60
N GLU A 54 -15.10 1.53 -15.42
CA GLU A 54 -16.51 1.15 -15.56
C GLU A 54 -17.41 1.99 -14.63
N LEU A 55 -17.00 2.13 -13.37
CA LEU A 55 -17.80 2.89 -12.41
C LEU A 55 -17.85 4.38 -12.74
N MSE A 56 -16.72 4.91 -13.20
CA MSE A 56 -16.66 6.32 -13.58
C MSE A 56 -17.53 6.59 -14.80
O MSE A 56 -18.12 7.66 -14.92
CB MSE A 56 -15.21 6.75 -13.82
CG MSE A 56 -14.38 6.80 -12.55
SE MSE A 56 -12.57 7.43 -12.87
CE MSE A 56 -12.03 6.20 -14.29
N GLN A 57 -17.60 5.62 -15.71
CA GLN A 57 -18.44 5.75 -16.89
C GLN A 57 -19.92 5.76 -16.50
N LYS A 58 -20.23 5.13 -15.37
CA LYS A 58 -21.58 5.16 -14.82
C LYS A 58 -21.86 6.47 -14.09
N GLY A 59 -20.87 7.36 -14.05
CA GLY A 59 -21.08 8.71 -13.56
C GLY A 59 -20.57 8.97 -12.14
N TYR A 60 -19.95 7.97 -11.53
CA TYR A 60 -19.49 8.11 -10.15
C TYR A 60 -18.11 8.73 -10.03
N ARG A 61 -17.90 9.54 -8.99
CA ARG A 61 -16.57 9.94 -8.58
C ARG A 61 -16.05 8.89 -7.61
N ILE A 62 -14.75 8.59 -7.71
CA ILE A 62 -14.19 7.47 -6.99
C ILE A 62 -13.15 7.90 -5.99
N PHE A 63 -13.28 7.38 -4.77
CA PHE A 63 -12.22 7.45 -3.76
C PHE A 63 -11.48 6.12 -3.85
N LEU A 64 -10.31 6.15 -4.49
CA LEU A 64 -9.50 4.95 -4.67
C LEU A 64 -8.59 4.80 -3.45
N ASP A 65 -8.93 3.82 -2.62
CA ASP A 65 -8.38 3.69 -1.28
C ASP A 65 -7.31 2.60 -1.27
N LEU A 66 -6.09 2.98 -1.64
CA LEU A 66 -4.96 2.04 -1.72
C LEU A 66 -3.88 2.26 -0.66
N LYS A 67 -4.00 3.35 0.09
CA LYS A 67 -3.09 3.64 1.20
C LYS A 67 -1.61 3.42 0.84
N PHE A 68 -1.13 4.19 -0.14
CA PHE A 68 0.27 4.05 -0.57
C PHE A 68 1.22 4.40 0.57
N TYR A 69 2.26 3.58 0.72
CA TYR A 69 3.32 3.83 1.69
C TYR A 69 4.60 3.23 1.09
N ASP A 70 5.34 4.06 0.37
CA ASP A 70 6.51 3.59 -0.34
C ASP A 70 7.50 4.74 -0.42
N ILE A 71 8.62 4.57 -1.11
CA ILE A 71 9.56 5.67 -1.26
C ILE A 71 8.94 6.76 -2.13
N PRO A 72 9.37 8.02 -1.93
CA PRO A 72 8.80 9.20 -2.57
C PRO A 72 8.57 9.07 -4.08
N GLN A 73 9.57 8.66 -4.86
CA GLN A 73 9.40 8.59 -6.31
C GLN A 73 8.41 7.51 -6.74
N THR A 74 8.31 6.44 -5.95
CA THR A 74 7.35 5.38 -6.26
C THR A 74 5.92 5.85 -5.98
N VAL A 75 5.69 6.43 -4.82
CA VAL A 75 4.35 6.94 -4.51
C VAL A 75 3.97 8.07 -5.48
N ALA A 76 4.93 8.92 -5.81
CA ALA A 76 4.65 10.00 -6.76
C ALA A 76 4.22 9.44 -8.10
N GLY A 77 4.91 8.39 -8.56
CA GLY A 77 4.57 7.75 -9.82
C GLY A 77 3.23 7.05 -9.76
N ALA A 78 2.93 6.42 -8.63
CA ALA A 78 1.65 5.76 -8.45
C ALA A 78 0.51 6.80 -8.42
N CYS A 79 0.72 7.89 -7.70
CA CYS A 79 -0.34 8.90 -7.59
C CYS A 79 -0.60 9.59 -8.93
N ARG A 80 0.43 9.65 -9.77
CA ARG A 80 0.28 10.15 -11.13
C ARG A 80 -0.59 9.23 -11.98
N ALA A 81 -0.41 7.92 -11.79
CA ALA A 81 -1.23 6.93 -12.49
C ALA A 81 -2.69 7.10 -12.08
N VAL A 82 -2.89 7.28 -10.78
CA VAL A 82 -4.22 7.42 -10.23
C VAL A 82 -4.90 8.68 -10.77
N ALA A 83 -4.16 9.79 -10.78
CA ALA A 83 -4.67 11.04 -11.33
C ALA A 83 -5.03 10.88 -12.80
N GLU A 84 -4.14 10.25 -13.57
CA GLU A 84 -4.37 10.06 -14.99
C GLU A 84 -5.60 9.20 -15.27
N LEU A 85 -5.88 8.29 -14.34
CA LEU A 85 -7.06 7.45 -14.40
C LEU A 85 -8.33 8.28 -14.16
N GLY A 86 -8.16 9.51 -13.70
CA GLY A 86 -9.27 10.41 -13.46
C GLY A 86 -9.93 10.28 -12.09
N VAL A 87 -9.24 9.65 -11.15
CA VAL A 87 -9.81 9.41 -9.83
C VAL A 87 -10.04 10.71 -9.04
N TRP A 88 -11.12 10.74 -8.27
CA TRP A 88 -11.52 11.96 -7.55
C TRP A 88 -10.77 12.16 -6.24
N MSE A 89 -10.48 11.07 -5.53
CA MSE A 89 -9.83 11.14 -4.23
C MSE A 89 -8.92 9.94 -4.04
O MSE A 89 -9.26 8.82 -4.46
CB MSE A 89 -10.88 11.20 -3.11
CG MSE A 89 -10.32 11.10 -1.67
SE MSE A 89 -11.71 11.21 -0.27
CE MSE A 89 -12.24 13.06 -0.51
N MSE A 90 -7.76 10.15 -3.42
CA MSE A 90 -6.84 9.04 -3.13
C MSE A 90 -6.16 9.29 -1.79
O MSE A 90 -6.18 10.41 -1.27
CB MSE A 90 -5.78 8.92 -4.23
CG MSE A 90 -4.67 9.95 -4.12
SE MSE A 90 -3.49 9.96 -5.69
CE MSE A 90 -4.64 10.98 -6.90
N ASN A 91 -5.56 8.26 -1.22
CA ASN A 91 -4.91 8.43 0.07
C ASN A 91 -3.52 7.81 0.18
N ILE A 92 -2.75 8.33 1.13
CA ILE A 92 -1.38 7.88 1.36
C ILE A 92 -1.10 7.88 2.85
N HIS A 93 -0.20 6.99 3.27
CA HIS A 93 0.20 6.92 4.68
C HIS A 93 1.10 8.09 5.06
N ILE A 94 0.65 8.87 6.03
CA ILE A 94 1.45 9.97 6.56
C ILE A 94 2.75 9.42 7.17
N SER A 95 2.70 8.20 7.67
CA SER A 95 3.90 7.52 8.20
C SER A 95 5.06 7.55 7.19
N GLY A 96 4.74 7.68 5.90
CA GLY A 96 5.74 7.63 4.85
C GLY A 96 6.75 8.76 4.87
N GLY A 97 6.49 9.81 5.66
CA GLY A 97 7.45 10.87 5.85
C GLY A 97 7.15 12.15 5.10
N ARG A 98 7.81 13.23 5.50
CA ARG A 98 7.56 14.53 4.88
C ARG A 98 8.00 14.58 3.42
N THR A 99 9.19 14.06 3.14
CA THR A 99 9.71 14.05 1.77
C THR A 99 8.75 13.34 0.80
N MSE A 100 8.27 12.17 1.19
CA MSE A 100 7.28 11.44 0.39
C MSE A 100 6.05 12.30 0.12
O MSE A 100 5.64 12.47 -1.03
CB MSE A 100 6.87 10.16 1.09
CG MSE A 100 6.04 9.23 0.21
SE MSE A 100 4.91 8.04 1.27
CE MSE A 100 3.86 9.41 2.15
N MSE A 101 5.46 12.85 1.18
CA MSE A 101 4.30 13.71 1.05
C MSE A 101 4.54 14.91 0.13
O MSE A 101 3.78 15.14 -0.80
CB MSE A 101 3.82 14.18 2.42
CG MSE A 101 3.05 13.10 3.17
SE MSE A 101 2.24 13.77 4.81
CE MSE A 101 3.86 13.90 5.92
N GLU A 102 5.60 15.66 0.38
CA GLU A 102 5.91 16.81 -0.45
C GLU A 102 6.16 16.44 -1.91
N THR A 103 6.82 15.30 -2.12
CA THR A 103 7.08 14.81 -3.48
C THR A 103 5.78 14.45 -4.20
N VAL A 104 4.86 13.81 -3.49
CA VAL A 104 3.56 13.51 -4.08
C VAL A 104 2.81 14.79 -4.39
N VAL A 105 2.75 15.71 -3.42
CA VAL A 105 2.10 17.00 -3.64
C VAL A 105 2.63 17.69 -4.90
N ASN A 106 3.95 17.83 -5.01
CA ASN A 106 4.54 18.46 -6.18
C ASN A 106 4.26 17.72 -7.49
N ALA A 107 4.30 16.39 -7.45
CA ALA A 107 4.01 15.60 -8.64
C ALA A 107 2.59 15.86 -9.12
N LEU A 108 1.66 15.98 -8.19
CA LEU A 108 0.26 16.25 -8.55
C LEU A 108 0.09 17.68 -9.11
N GLN A 109 0.91 18.61 -8.66
CA GLN A 109 0.85 19.99 -9.16
C GLN A 109 1.31 20.09 -10.61
N SER A 110 2.32 19.30 -10.96
CA SER A 110 2.90 19.34 -12.29
C SER A 110 1.97 18.73 -13.34
N ILE A 111 0.93 18.06 -12.88
CA ILE A 111 0.00 17.37 -13.78
C ILE A 111 -0.97 18.34 -14.42
N THR A 112 -1.03 18.32 -15.74
CA THR A 112 -1.87 19.25 -16.49
C THR A 112 -3.29 18.72 -16.69
N LEU A 113 -3.72 17.86 -15.77
CA LEU A 113 -5.11 17.40 -15.78
C LEU A 113 -6.00 18.59 -15.46
N LYS A 114 -7.31 18.43 -15.63
CA LYS A 114 -8.25 19.51 -15.31
C LYS A 114 -8.55 19.53 -13.82
N GLU A 115 -9.43 18.63 -13.38
CA GLU A 115 -9.78 18.55 -11.96
C GLU A 115 -8.66 17.92 -11.13
N LYS A 116 -8.34 18.56 -10.02
CA LYS A 116 -7.28 18.09 -9.13
C LYS A 116 -7.79 17.03 -8.16
N PRO A 117 -7.29 15.79 -8.29
CA PRO A 117 -7.65 14.71 -7.37
C PRO A 117 -7.23 15.01 -5.93
N LEU A 118 -8.18 14.89 -5.01
CA LEU A 118 -7.95 15.17 -3.61
C LEU A 118 -6.96 14.19 -2.99
N LEU A 119 -5.92 14.72 -2.33
CA LEU A 119 -4.91 13.87 -1.68
C LEU A 119 -5.13 13.87 -0.16
N ILE A 120 -5.50 12.70 0.35
CA ILE A 120 -5.90 12.55 1.75
C ILE A 120 -4.91 11.66 2.50
N GLY A 121 -4.53 12.09 3.70
CA GLY A 121 -3.59 11.33 4.50
C GLY A 121 -4.23 10.34 5.44
N VAL A 122 -3.58 9.20 5.61
CA VAL A 122 -3.96 8.20 6.58
C VAL A 122 -3.05 8.36 7.80
N THR A 123 -3.62 8.43 9.00
CA THR A 123 -2.82 8.58 10.20
C THR A 123 -2.45 7.22 10.77
N ILE A 124 -3.04 6.87 11.91
CA ILE A 124 -2.85 5.57 12.52
C ILE A 124 -4.13 4.78 12.34
N LEU A 125 -4.07 3.64 11.67
CA LEU A 125 -5.28 2.85 11.40
C LEU A 125 -6.09 2.62 12.67
N THR A 126 -7.42 2.47 12.54
CA THR A 126 -8.25 2.13 13.70
C THR A 126 -8.04 0.68 14.14
N SER A 127 -7.37 -0.10 13.29
CA SER A 127 -7.02 -1.47 13.66
C SER A 127 -5.81 -1.54 14.61
N LEU A 128 -5.13 -0.41 14.80
CA LEU A 128 -3.98 -0.35 15.69
C LEU A 128 -4.29 0.50 16.92
N ASP A 129 -3.71 0.13 18.06
CA ASP A 129 -3.85 0.92 19.28
C ASP A 129 -2.53 0.98 20.08
N GLY A 130 -2.60 1.52 21.29
CA GLY A 130 -1.42 1.67 22.12
C GLY A 130 -0.66 0.37 22.32
N SER A 131 -1.37 -0.75 22.34
CA SER A 131 -0.72 -2.03 22.56
C SER A 131 0.18 -2.37 21.38
N ASP A 132 -0.24 -2.03 20.16
CA ASP A 132 0.59 -2.24 18.99
C ASP A 132 1.80 -1.32 19.03
N LEU A 133 1.57 -0.06 19.39
CA LEU A 133 2.64 0.92 19.44
C LEU A 133 3.74 0.52 20.43
N LYS A 134 3.34 0.01 21.59
CA LYS A 134 4.31 -0.33 22.62
C LYS A 134 5.15 -1.54 22.20
N THR A 135 4.57 -2.42 21.39
CA THR A 135 5.30 -3.58 20.90
C THR A 135 6.48 -3.11 20.06
N LEU A 136 6.38 -1.91 19.50
CA LEU A 136 7.47 -1.30 18.74
C LEU A 136 8.29 -0.34 19.59
N GLY A 137 8.07 -0.35 20.90
CA GLY A 137 8.77 0.55 21.80
C GLY A 137 8.24 1.97 21.78
N ILE A 138 7.09 2.17 21.15
CA ILE A 138 6.45 3.49 21.10
C ILE A 138 5.59 3.68 22.34
N GLN A 139 5.93 4.68 23.15
CA GLN A 139 5.21 4.91 24.40
C GLN A 139 4.19 6.06 24.28
N GLU A 140 4.33 6.87 23.25
CA GLU A 140 3.42 7.99 23.05
C GLU A 140 2.00 7.50 22.74
N LYS A 141 1.01 8.33 23.09
CA LYS A 141 -0.39 7.94 22.93
C LYS A 141 -0.87 8.11 21.49
N VAL A 142 -1.76 7.23 21.07
CA VAL A 142 -2.31 7.26 19.70
C VAL A 142 -2.86 8.64 19.29
N PRO A 143 -3.76 9.23 20.09
CA PRO A 143 -4.38 10.51 19.73
C PRO A 143 -3.34 11.63 19.57
N ASP A 144 -2.25 11.57 20.33
CA ASP A 144 -1.15 12.54 20.18
C ASP A 144 -0.42 12.34 18.85
N ILE A 145 -0.12 11.09 18.52
CA ILE A 145 0.51 10.78 17.24
C ILE A 145 -0.40 11.18 16.09
N VAL A 146 -1.67 10.83 16.19
CA VAL A 146 -2.66 11.17 15.19
C VAL A 146 -2.73 12.69 14.95
N CYS A 147 -2.84 13.45 16.04
CA CYS A 147 -2.93 14.90 15.91
C CYS A 147 -1.69 15.46 15.22
N ARG A 148 -0.52 14.95 15.59
CA ARG A 148 0.74 15.37 14.99
C ARG A 148 0.82 15.03 13.50
N MSE A 149 0.41 13.81 13.15
CA MSE A 149 0.44 13.39 11.77
C MSE A 149 -0.51 14.26 10.92
O MSE A 149 -0.13 14.71 9.84
CB MSE A 149 0.08 11.92 11.65
CG MSE A 149 1.13 10.98 12.21
SE MSE A 149 0.59 9.15 11.85
CE MSE A 149 2.21 8.21 12.41
N ALA A 150 -1.71 14.49 11.44
CA ALA A 150 -2.68 15.34 10.76
C ALA A 150 -2.10 16.73 10.51
N THR A 151 -1.45 17.28 11.53
CA THR A 151 -0.84 18.59 11.44
C THR A 151 0.22 18.66 10.34
N LEU A 152 1.09 17.65 10.28
CA LEU A 152 2.14 17.62 9.28
C LEU A 152 1.56 17.45 7.88
N ALA A 153 0.48 16.69 7.77
CA ALA A 153 -0.19 16.50 6.49
C ALA A 153 -0.67 17.86 5.98
N LYS A 154 -1.34 18.59 6.86
CA LYS A 154 -1.79 19.94 6.57
C LYS A 154 -0.62 20.82 6.12
N SER A 155 0.46 20.79 6.89
CA SER A 155 1.66 21.56 6.54
C SER A 155 2.23 21.19 5.18
N ALA A 156 2.23 19.90 4.85
CA ALA A 156 2.82 19.43 3.59
C ALA A 156 1.93 19.71 2.37
N GLY A 157 0.68 20.09 2.61
CA GLY A 157 -0.19 20.49 1.53
C GLY A 157 -1.24 19.46 1.14
N LEU A 158 -1.38 18.40 1.92
CA LEU A 158 -2.47 17.45 1.70
C LEU A 158 -3.80 18.15 1.90
N ASP A 159 -4.85 17.61 1.30
CA ASP A 159 -6.15 18.26 1.32
C ASP A 159 -6.94 17.85 2.56
N GLY A 160 -6.49 16.79 3.24
CA GLY A 160 -7.18 16.34 4.42
C GLY A 160 -6.69 15.01 4.97
N VAL A 161 -7.42 14.46 5.92
CA VAL A 161 -7.13 13.14 6.46
C VAL A 161 -8.40 12.32 6.60
N VAL A 162 -8.23 11.01 6.57
CA VAL A 162 -9.26 10.11 7.03
C VAL A 162 -9.14 10.05 8.54
N CYS A 163 -10.25 10.27 9.25
CA CYS A 163 -10.28 10.02 10.69
C CYS A 163 -11.59 9.35 11.04
N SER A 164 -11.58 8.49 12.04
CA SER A 164 -12.81 7.80 12.41
C SER A 164 -13.80 8.83 12.92
N ALA A 165 -15.08 8.55 12.73
CA ALA A 165 -16.13 9.42 13.25
C ALA A 165 -15.95 9.57 14.76
N GLN A 166 -15.61 8.47 15.43
CA GLN A 166 -15.42 8.45 16.89
C GLN A 166 -14.37 9.47 17.30
N GLU A 167 -13.53 9.84 16.35
CA GLU A 167 -12.33 10.61 16.59
C GLU A 167 -12.47 12.04 16.08
N ALA A 168 -13.53 12.28 15.31
CA ALA A 168 -13.65 13.50 14.52
C ALA A 168 -13.78 14.77 15.35
N ALA A 169 -14.47 14.67 16.48
CA ALA A 169 -14.73 15.83 17.34
C ALA A 169 -13.43 16.48 17.84
N LEU A 170 -12.52 15.65 18.34
CA LEU A 170 -11.24 16.15 18.83
C LEU A 170 -10.36 16.69 17.69
N LEU A 171 -10.41 16.04 16.52
CA LEU A 171 -9.62 16.52 15.39
C LEU A 171 -10.13 17.83 14.80
N ARG A 172 -11.45 17.93 14.62
CA ARG A 172 -12.04 19.15 14.08
C ARG A 172 -11.62 20.37 14.91
N LYS A 173 -11.44 20.18 16.21
CA LYS A 173 -10.98 21.27 17.08
C LYS A 173 -9.63 21.84 16.63
N GLN A 174 -8.85 21.04 15.91
CA GLN A 174 -7.51 21.45 15.47
C GLN A 174 -7.48 22.15 14.11
N PHE A 175 -8.47 21.86 13.26
CA PHE A 175 -8.43 22.32 11.89
C PHE A 175 -9.72 23.00 11.45
N ASP A 176 -9.60 24.11 10.74
CA ASP A 176 -10.76 24.75 10.13
C ASP A 176 -11.19 23.98 8.89
N ARG A 177 -12.27 24.43 8.26
CA ARG A 177 -12.90 23.72 7.14
C ARG A 177 -12.06 23.69 5.86
N ASN A 178 -10.90 24.34 5.87
CA ASN A 178 -9.99 24.24 4.73
C ASN A 178 -9.36 22.84 4.61
N PHE A 179 -9.35 22.10 5.72
CA PHE A 179 -8.73 20.79 5.78
C PHE A 179 -9.81 19.74 5.98
N LEU A 180 -9.94 18.82 5.03
CA LEU A 180 -11.04 17.85 5.02
C LEU A 180 -10.92 16.76 6.06
N LEU A 181 -12.02 16.47 6.76
CA LEU A 181 -12.08 15.27 7.57
C LEU A 181 -13.00 14.27 6.88
N VAL A 182 -12.41 13.16 6.44
CA VAL A 182 -13.18 12.12 5.77
C VAL A 182 -13.38 11.00 6.78
N THR A 183 -14.62 10.73 7.14
CA THR A 183 -14.89 9.91 8.32
C THR A 183 -15.70 8.64 8.08
N PRO A 184 -15.04 7.47 8.16
CA PRO A 184 -15.73 6.19 8.23
C PRO A 184 -16.15 5.89 9.67
N GLY A 185 -16.61 4.67 9.94
CA GLY A 185 -17.01 4.28 11.28
C GLY A 185 -18.41 4.73 11.66
N ILE A 186 -19.29 4.81 10.66
CA ILE A 186 -20.62 5.36 10.84
C ILE A 186 -21.72 4.30 10.78
N ARG A 187 -22.76 4.48 11.60
CA ARG A 187 -23.93 3.59 11.58
C ARG A 187 -25.24 4.38 11.47
N ARG A 198 -18.52 4.92 21.02
CA ARG A 198 -18.46 3.92 19.94
C ARG A 198 -19.39 4.27 18.79
N VAL A 199 -20.58 3.68 18.77
CA VAL A 199 -21.53 3.86 17.67
C VAL A 199 -21.77 5.32 17.29
N MSE A 200 -21.52 5.65 16.03
CA MSE A 200 -21.65 7.02 15.55
C MSE A 200 -22.64 7.11 14.40
O MSE A 200 -22.42 6.53 13.33
CB MSE A 200 -20.27 7.54 15.10
CG MSE A 200 -19.26 7.68 16.22
SE MSE A 200 -19.63 9.26 17.32
CE MSE A 200 -19.61 10.61 15.91
N THR A 201 -23.73 7.83 14.59
CA THR A 201 -24.72 8.02 13.54
C THR A 201 -24.22 9.06 12.55
N PRO A 202 -24.90 9.19 11.39
CA PRO A 202 -24.58 10.27 10.45
C PRO A 202 -24.73 11.63 11.13
N ARG A 203 -25.85 11.85 11.81
CA ARG A 203 -26.08 13.09 12.55
C ARG A 203 -24.91 13.39 13.48
N ALA A 204 -24.50 12.38 14.24
CA ALA A 204 -23.43 12.56 15.21
C ALA A 204 -22.10 12.88 14.54
N ALA A 205 -21.84 12.24 13.41
CA ALA A 205 -20.60 12.49 12.68
C ALA A 205 -20.59 13.91 12.14
N ILE A 206 -21.72 14.37 11.62
CA ILE A 206 -21.85 15.74 11.14
C ILE A 206 -21.59 16.73 12.29
N GLN A 207 -22.25 16.52 13.43
CA GLN A 207 -22.01 17.41 14.57
C GLN A 207 -20.54 17.41 14.94
N ALA A 208 -19.89 16.24 14.90
CA ALA A 208 -18.49 16.15 15.29
C ALA A 208 -17.56 16.94 14.35
N GLY A 209 -17.95 17.12 13.09
CA GLY A 209 -17.16 17.91 12.16
C GLY A 209 -16.73 17.23 10.86
N SER A 210 -17.32 16.08 10.56
CA SER A 210 -17.01 15.38 9.32
C SER A 210 -17.33 16.22 8.08
N ASP A 211 -16.45 16.18 7.09
CA ASP A 211 -16.74 16.78 5.78
C ASP A 211 -17.31 15.75 4.81
N TYR A 212 -16.78 14.54 4.84
CA TYR A 212 -17.34 13.46 4.03
C TYR A 212 -17.65 12.27 4.90
N LEU A 213 -18.86 11.74 4.77
CA LEU A 213 -19.23 10.55 5.50
C LEU A 213 -18.91 9.31 4.66
N VAL A 214 -18.10 8.42 5.21
CA VAL A 214 -17.87 7.15 4.57
C VAL A 214 -18.75 6.12 5.24
N ILE A 215 -19.68 5.56 4.47
CA ILE A 215 -20.67 4.66 5.02
C ILE A 215 -20.76 3.39 4.20
N GLY A 216 -20.68 2.26 4.88
CA GLY A 216 -20.78 0.98 4.20
C GLY A 216 -22.14 0.33 4.38
N ARG A 217 -22.18 -0.68 5.25
CA ARG A 217 -23.35 -1.54 5.41
C ARG A 217 -24.66 -0.84 5.72
N PRO A 218 -24.63 0.25 6.51
CA PRO A 218 -25.89 0.95 6.78
C PRO A 218 -26.61 1.26 5.48
N ILE A 219 -25.86 1.48 4.41
CA ILE A 219 -26.46 1.71 3.10
C ILE A 219 -26.54 0.44 2.24
N THR A 220 -25.40 -0.23 2.04
CA THR A 220 -25.32 -1.37 1.12
C THR A 220 -26.15 -2.58 1.57
N GLN A 221 -26.28 -2.76 2.88
CA GLN A 221 -27.02 -3.90 3.41
C GLN A 221 -28.49 -3.61 3.72
N SER A 222 -28.93 -2.37 3.54
CA SER A 222 -30.32 -2.06 3.84
C SER A 222 -31.24 -2.63 2.75
N THR A 223 -32.44 -3.02 3.15
CA THR A 223 -33.40 -3.60 2.22
C THR A 223 -33.69 -2.63 1.08
N ASP A 224 -33.45 -1.35 1.33
CA ASP A 224 -33.67 -0.31 0.33
C ASP A 224 -32.54 0.73 0.38
N PRO A 225 -31.38 0.39 -0.21
CA PRO A 225 -30.19 1.24 -0.13
C PRO A 225 -30.46 2.69 -0.57
N LEU A 226 -31.21 2.86 -1.65
CA LEU A 226 -31.53 4.20 -2.15
C LEU A 226 -32.36 4.98 -1.12
N LYS A 227 -33.32 4.30 -0.51
CA LYS A 227 -34.14 4.87 0.55
C LYS A 227 -33.23 5.41 1.66
N ALA A 228 -32.36 4.55 2.16
CA ALA A 228 -31.47 4.94 3.26
C ALA A 228 -30.59 6.13 2.86
N LEU A 229 -30.04 6.06 1.64
CA LEU A 229 -29.14 7.10 1.15
C LEU A 229 -29.86 8.44 1.07
N GLU A 230 -31.06 8.44 0.48
CA GLU A 230 -31.89 9.63 0.41
C GLU A 230 -32.17 10.19 1.80
N ALA A 231 -32.48 9.31 2.75
CA ALA A 231 -32.73 9.73 4.13
C ALA A 231 -31.51 10.42 4.77
N ILE A 232 -30.30 9.93 4.46
CA ILE A 232 -29.07 10.51 5.03
C ILE A 232 -28.70 11.86 4.39
N ASP A 233 -28.90 11.97 3.09
CA ASP A 233 -28.64 13.22 2.38
C ASP A 233 -29.51 14.36 2.91
N LYS A 234 -30.68 14.02 3.45
CA LYS A 234 -31.59 15.04 3.99
C LYS A 234 -31.08 15.64 5.29
N ASP A 235 -30.70 14.78 6.24
CA ASP A 235 -30.21 15.23 7.54
C ASP A 235 -29.13 16.31 7.41
N ILE A 236 -28.40 16.28 6.30
CA ILE A 236 -27.34 17.25 6.07
C ILE A 236 -27.89 18.57 5.56
N ASP B 8 16.91 -21.92 -9.43
CA ASP B 8 16.34 -20.82 -8.65
C ASP B 8 17.32 -19.65 -8.59
N PRO B 9 17.15 -18.67 -9.49
CA PRO B 9 18.06 -17.51 -9.50
C PRO B 9 17.95 -16.70 -8.22
N LYS B 10 19.05 -16.10 -7.79
CA LYS B 10 19.03 -15.31 -6.57
C LYS B 10 18.83 -13.83 -6.84
N VAL B 11 18.84 -13.45 -8.12
CA VAL B 11 18.62 -12.05 -8.49
C VAL B 11 17.16 -11.79 -8.86
N ILE B 12 16.61 -10.74 -8.27
CA ILE B 12 15.28 -10.24 -8.61
C ILE B 12 15.47 -8.86 -9.21
N VAL B 13 15.17 -8.71 -10.48
CA VAL B 13 15.37 -7.44 -11.15
C VAL B 13 14.18 -6.52 -10.98
N ALA B 14 14.41 -5.35 -10.40
CA ALA B 14 13.36 -4.33 -10.28
C ALA B 14 13.05 -3.67 -11.62
N ILE B 15 11.82 -3.83 -12.07
CA ILE B 15 11.32 -3.13 -13.24
C ILE B 15 10.51 -1.94 -12.73
N ASP B 16 11.04 -0.74 -12.90
CA ASP B 16 10.32 0.45 -12.44
C ASP B 16 9.97 1.41 -13.60
N ALA B 17 9.98 0.88 -14.82
CA ALA B 17 9.51 1.63 -15.99
C ALA B 17 8.11 2.14 -15.73
N GLY B 18 7.77 3.30 -16.32
CA GLY B 18 6.46 3.89 -16.13
C GLY B 18 5.41 3.40 -17.11
N THR B 19 5.86 2.86 -18.25
CA THR B 19 4.97 2.40 -19.29
C THR B 19 5.22 0.94 -19.62
N VAL B 20 4.20 0.27 -20.12
CA VAL B 20 4.34 -1.14 -20.47
C VAL B 20 5.32 -1.35 -21.63
N GLU B 21 5.34 -0.43 -22.58
CA GLU B 21 6.30 -0.51 -23.69
C GLU B 21 7.74 -0.45 -23.20
N GLN B 22 8.02 0.44 -22.26
CA GLN B 22 9.36 0.51 -21.68
C GLN B 22 9.64 -0.71 -20.80
N ALA B 23 8.64 -1.15 -20.04
CA ALA B 23 8.84 -2.36 -19.20
C ALA B 23 9.23 -3.55 -20.06
N ARG B 24 8.49 -3.77 -21.13
CA ARG B 24 8.80 -4.88 -22.03
C ARG B 24 10.21 -4.79 -22.56
N ALA B 25 10.63 -3.59 -22.91
CA ALA B 25 11.96 -3.40 -23.49
C ALA B 25 13.04 -3.72 -22.45
N GLN B 26 12.80 -3.35 -21.19
CA GLN B 26 13.72 -3.69 -20.12
C GLN B 26 13.73 -5.20 -19.83
N ILE B 27 12.58 -5.85 -19.96
CA ILE B 27 12.48 -7.25 -19.61
C ILE B 27 13.00 -8.15 -20.76
N ASN B 28 12.84 -7.69 -21.98
CA ASN B 28 13.25 -8.46 -23.16
C ASN B 28 14.62 -9.16 -23.08
N PRO B 29 15.69 -8.43 -22.75
CA PRO B 29 17.00 -9.08 -22.81
C PRO B 29 17.29 -9.99 -21.61
N LEU B 30 16.43 -9.95 -20.60
CA LEU B 30 16.64 -10.80 -19.43
C LEU B 30 16.16 -12.21 -19.73
N THR B 31 16.37 -13.12 -18.78
CA THR B 31 15.94 -14.50 -18.95
C THR B 31 15.50 -15.03 -17.60
N PRO B 32 14.43 -15.84 -17.57
CA PRO B 32 13.97 -16.34 -16.27
C PRO B 32 14.99 -17.31 -15.65
N GLU B 33 15.94 -17.79 -16.45
CA GLU B 33 16.95 -18.67 -15.90
C GLU B 33 17.88 -17.90 -14.98
N LEU B 34 18.00 -16.60 -15.21
CA LEU B 34 18.95 -15.77 -14.47
C LEU B 34 18.31 -14.84 -13.45
N CYS B 35 17.01 -14.61 -13.54
CA CYS B 35 16.38 -13.68 -12.60
C CYS B 35 14.87 -13.86 -12.44
N HIS B 36 14.38 -13.35 -11.31
CA HIS B 36 12.96 -13.13 -11.09
C HIS B 36 12.71 -11.66 -11.34
N LEU B 37 11.46 -11.23 -11.36
CA LEU B 37 11.16 -9.82 -11.57
C LEU B 37 10.39 -9.23 -10.41
N LYS B 38 10.71 -7.99 -10.03
CA LYS B 38 9.91 -7.24 -9.06
C LYS B 38 9.11 -6.17 -9.78
N ILE B 39 7.78 -6.27 -9.66
CA ILE B 39 6.85 -5.28 -10.19
C ILE B 39 6.21 -4.51 -9.03
N GLY B 40 6.23 -3.20 -9.10
CA GLY B 40 5.77 -2.38 -7.99
C GLY B 40 4.50 -1.59 -8.24
N SER B 41 4.26 -0.58 -7.42
CA SER B 41 2.99 0.14 -7.42
C SER B 41 2.76 0.95 -8.68
N ILE B 42 3.82 1.41 -9.32
CA ILE B 42 3.65 2.21 -10.52
C ILE B 42 3.03 1.39 -11.65
N LEU B 43 3.71 0.32 -12.06
CA LEU B 43 3.16 -0.55 -13.11
C LEU B 43 1.83 -1.17 -12.72
N PHE B 44 1.70 -1.62 -11.48
CA PHE B 44 0.46 -2.28 -11.07
C PHE B 44 -0.73 -1.30 -11.07
N THR B 45 -0.52 -0.09 -10.58
CA THR B 45 -1.61 0.86 -10.52
C THR B 45 -2.04 1.25 -11.93
N ARG B 46 -1.07 1.44 -12.82
CA ARG B 46 -1.37 1.82 -14.18
C ARG B 46 -1.98 0.68 -15.01
N TYR B 47 -1.46 -0.54 -14.87
CA TYR B 47 -1.89 -1.64 -15.75
C TYR B 47 -2.65 -2.79 -15.07
N GLY B 48 -2.54 -2.89 -13.75
CA GLY B 48 -3.29 -3.89 -13.01
C GLY B 48 -2.76 -5.31 -13.17
N PRO B 49 -3.55 -6.30 -12.75
CA PRO B 49 -3.19 -7.71 -12.77
C PRO B 49 -2.87 -8.24 -14.17
N ALA B 50 -3.49 -7.70 -15.21
CA ALA B 50 -3.26 -8.22 -16.55
C ALA B 50 -1.78 -8.17 -16.94
N PHE B 51 -1.07 -7.11 -16.57
CA PHE B 51 0.34 -7.04 -16.94
C PHE B 51 1.15 -8.10 -16.19
N VAL B 52 0.81 -8.34 -14.92
CA VAL B 52 1.46 -9.40 -14.15
C VAL B 52 1.27 -10.77 -14.83
N GLU B 53 0.07 -11.00 -15.34
CA GLU B 53 -0.22 -12.24 -16.04
C GLU B 53 0.60 -12.40 -17.30
N GLU B 54 0.76 -11.31 -18.06
CA GLU B 54 1.63 -11.37 -19.22
C GLU B 54 3.05 -11.81 -18.81
N LEU B 55 3.59 -11.19 -17.76
CA LEU B 55 4.96 -11.49 -17.33
C LEU B 55 5.13 -12.94 -16.88
N MSE B 56 4.15 -13.48 -16.16
CA MSE B 56 4.22 -14.84 -15.71
C MSE B 56 4.17 -15.82 -16.89
O MSE B 56 4.83 -16.86 -16.87
CB MSE B 56 3.11 -15.15 -14.70
CG MSE B 56 3.31 -14.39 -13.40
SE MSE B 56 1.91 -14.83 -12.10
CE MSE B 56 0.39 -14.23 -13.12
N GLN B 57 3.41 -15.47 -17.92
CA GLN B 57 3.36 -16.30 -19.12
C GLN B 57 4.69 -16.29 -19.87
N LYS B 58 5.50 -15.27 -19.64
CA LYS B 58 6.84 -15.21 -20.21
C LYS B 58 7.79 -16.10 -19.42
N GLY B 59 7.29 -16.68 -18.32
CA GLY B 59 8.07 -17.63 -17.55
C GLY B 59 8.79 -17.06 -16.34
N TYR B 60 8.52 -15.82 -15.97
CA TYR B 60 9.12 -15.24 -14.75
C TYR B 60 8.31 -15.48 -13.48
N ARG B 61 9.01 -15.69 -12.37
CA ARG B 61 8.39 -15.61 -11.07
C ARG B 61 8.34 -14.14 -10.71
N ILE B 62 7.23 -13.70 -10.09
CA ILE B 62 7.03 -12.30 -9.82
C ILE B 62 7.01 -12.00 -8.31
N PHE B 63 7.80 -11.02 -7.90
CA PHE B 63 7.69 -10.43 -6.56
C PHE B 63 6.83 -9.20 -6.79
N LEU B 64 5.57 -9.27 -6.38
CA LEU B 64 4.67 -8.13 -6.54
C LEU B 64 4.79 -7.25 -5.30
N ASP B 65 5.33 -6.05 -5.50
CA ASP B 65 5.78 -5.19 -4.41
C ASP B 65 4.79 -4.05 -4.23
N LEU B 66 3.72 -4.30 -3.48
CA LEU B 66 2.68 -3.29 -3.23
C LEU B 66 2.65 -2.78 -1.79
N LYS B 67 3.49 -3.35 -0.93
CA LYS B 67 3.61 -2.89 0.46
C LYS B 67 2.25 -2.58 1.11
N PHE B 68 1.38 -3.57 1.21
CA PHE B 68 0.07 -3.37 1.81
C PHE B 68 0.19 -2.92 3.27
N TYR B 69 -0.69 -2.01 3.68
CA TYR B 69 -0.73 -1.51 5.05
C TYR B 69 -2.15 -0.96 5.24
N ASP B 70 -3.02 -1.83 5.77
CA ASP B 70 -4.44 -1.56 5.88
C ASP B 70 -4.96 -2.49 6.97
N ILE B 71 -6.27 -2.46 7.22
CA ILE B 71 -6.87 -3.30 8.26
C ILE B 71 -6.75 -4.79 7.92
N PRO B 72 -6.72 -5.65 8.93
CA PRO B 72 -6.47 -7.09 8.71
C PRO B 72 -7.28 -7.72 7.57
N GLN B 73 -8.59 -7.48 7.50
CA GLN B 73 -9.40 -8.20 6.53
C GLN B 73 -9.14 -7.73 5.09
N THR B 74 -8.86 -6.44 4.94
CA THR B 74 -8.57 -5.86 3.64
C THR B 74 -7.23 -6.39 3.11
N VAL B 75 -6.19 -6.35 3.96
CA VAL B 75 -4.90 -6.88 3.53
C VAL B 75 -4.98 -8.38 3.22
N ALA B 76 -5.68 -9.13 4.06
CA ALA B 76 -5.82 -10.57 3.81
C ALA B 76 -6.50 -10.80 2.47
N GLY B 77 -7.56 -10.03 2.21
CA GLY B 77 -8.26 -10.11 0.94
C GLY B 77 -7.36 -9.75 -0.24
N ALA B 78 -6.55 -8.71 -0.08
CA ALA B 78 -5.70 -8.26 -1.17
C ALA B 78 -4.59 -9.27 -1.44
N CYS B 79 -3.95 -9.75 -0.37
CA CYS B 79 -2.90 -10.74 -0.51
C CYS B 79 -3.45 -12.02 -1.14
N ARG B 80 -4.65 -12.39 -0.75
CA ARG B 80 -5.32 -13.55 -1.33
C ARG B 80 -5.46 -13.41 -2.84
N ALA B 81 -5.86 -12.21 -3.28
CA ALA B 81 -6.01 -11.94 -4.71
C ALA B 81 -4.67 -12.05 -5.41
N VAL B 82 -3.65 -11.44 -4.82
CA VAL B 82 -2.29 -11.55 -5.37
C VAL B 82 -1.86 -13.02 -5.44
N ALA B 83 -2.15 -13.80 -4.41
CA ALA B 83 -1.78 -15.20 -4.42
C ALA B 83 -2.50 -15.98 -5.52
N GLU B 84 -3.80 -15.73 -5.67
CA GLU B 84 -4.62 -16.45 -6.64
C GLU B 84 -4.16 -16.13 -8.07
N LEU B 85 -3.49 -15.00 -8.21
CA LEU B 85 -2.93 -14.58 -9.47
C LEU B 85 -1.77 -15.49 -9.89
N GLY B 86 -1.15 -16.16 -8.92
CA GLY B 86 0.00 -16.99 -9.19
C GLY B 86 1.33 -16.32 -8.83
N VAL B 87 1.24 -15.16 -8.19
CA VAL B 87 2.43 -14.40 -7.78
C VAL B 87 3.31 -15.17 -6.77
N TRP B 88 4.63 -15.04 -6.93
CA TRP B 88 5.59 -15.84 -6.17
C TRP B 88 5.95 -15.24 -4.82
N MSE B 89 6.05 -13.92 -4.75
CA MSE B 89 6.42 -13.24 -3.51
C MSE B 89 5.66 -11.93 -3.41
O MSE B 89 5.40 -11.27 -4.42
CB MSE B 89 7.93 -12.99 -3.48
CG MSE B 89 8.44 -12.15 -2.32
SE MSE B 89 10.36 -11.78 -2.47
CE MSE B 89 11.09 -13.56 -2.07
N MSE B 90 5.28 -11.55 -2.19
CA MSE B 90 4.60 -10.27 -2.01
C MSE B 90 5.01 -9.71 -0.67
O MSE B 90 5.51 -10.45 0.17
CB MSE B 90 3.09 -10.46 -2.08
CG MSE B 90 2.51 -11.17 -0.86
SE MSE B 90 0.63 -11.63 -1.10
CE MSE B 90 0.77 -13.26 -2.14
N ASN B 91 4.80 -8.41 -0.47
CA ASN B 91 5.17 -7.82 0.81
C ASN B 91 4.08 -6.99 1.49
N ILE B 92 4.22 -6.86 2.81
CA ILE B 92 3.29 -6.10 3.63
C ILE B 92 4.08 -5.37 4.71
N HIS B 93 3.57 -4.21 5.13
CA HIS B 93 4.21 -3.42 6.17
C HIS B 93 4.03 -4.05 7.54
N ILE B 94 5.15 -4.31 8.23
CA ILE B 94 5.08 -4.83 9.59
C ILE B 94 4.40 -3.83 10.53
N SER B 95 4.45 -2.54 10.17
CA SER B 95 3.74 -1.48 10.90
C SER B 95 2.25 -1.78 11.04
N GLY B 96 1.71 -2.57 10.11
CA GLY B 96 0.31 -2.94 10.15
C GLY B 96 -0.11 -3.68 11.41
N GLY B 97 0.86 -4.28 12.12
CA GLY B 97 0.59 -4.92 13.40
C GLY B 97 0.39 -6.43 13.35
N ARG B 98 0.42 -7.06 14.53
CA ARG B 98 0.35 -8.53 14.62
C ARG B 98 -0.92 -9.12 14.01
N THR B 99 -2.08 -8.60 14.40
CA THR B 99 -3.34 -9.18 13.94
C THR B 99 -3.40 -9.19 12.41
N MSE B 100 -3.06 -8.07 11.79
CA MSE B 100 -3.04 -8.00 10.34
C MSE B 100 -2.17 -9.12 9.74
O MSE B 100 -2.61 -9.85 8.85
CB MSE B 100 -2.51 -6.66 9.85
CG MSE B 100 -2.55 -6.50 8.33
SE MSE B 100 -1.33 -5.10 7.73
CE MSE B 100 0.32 -6.05 8.15
N MSE B 101 -0.94 -9.21 10.23
CA MSE B 101 0.00 -10.22 9.70
C MSE B 101 -0.52 -11.64 9.90
O MSE B 101 -0.49 -12.44 8.98
CB MSE B 101 1.38 -10.06 10.33
CG MSE B 101 2.14 -8.83 9.85
SE MSE B 101 3.97 -8.73 10.55
CE MSE B 101 3.54 -8.23 12.39
N GLU B 102 -1.00 -11.95 11.11
CA GLU B 102 -1.50 -13.29 11.38
C GLU B 102 -2.73 -13.61 10.54
N THR B 103 -3.57 -12.60 10.31
CA THR B 103 -4.77 -12.79 9.50
C THR B 103 -4.43 -13.10 8.05
N VAL B 104 -3.41 -12.42 7.51
CA VAL B 104 -2.91 -12.70 6.16
C VAL B 104 -2.32 -14.11 6.07
N VAL B 105 -1.44 -14.46 7.00
CA VAL B 105 -0.83 -15.78 7.03
C VAL B 105 -1.93 -16.87 7.03
N ASN B 106 -2.95 -16.68 7.87
CA ASN B 106 -4.05 -17.62 7.92
C ASN B 106 -4.84 -17.67 6.60
N ALA B 107 -5.03 -16.51 5.98
CA ALA B 107 -5.78 -16.45 4.73
C ALA B 107 -5.06 -17.18 3.60
N LEU B 108 -3.73 -17.01 3.53
CA LEU B 108 -2.96 -17.65 2.46
C LEU B 108 -2.89 -19.19 2.57
N GLN B 109 -3.11 -19.73 3.76
CA GLN B 109 -3.15 -21.18 3.93
C GLN B 109 -4.40 -21.78 3.28
N SER B 110 -5.35 -20.93 2.89
CA SER B 110 -6.56 -21.43 2.27
C SER B 110 -6.63 -21.14 0.76
N ILE B 111 -5.54 -20.65 0.17
CA ILE B 111 -5.58 -20.35 -1.28
C ILE B 111 -5.73 -21.62 -2.09
N THR B 112 -6.07 -21.48 -3.37
CA THR B 112 -6.36 -22.63 -4.22
C THR B 112 -5.11 -23.24 -4.86
N LEU B 113 -3.99 -22.52 -4.80
CA LEU B 113 -2.74 -23.00 -5.39
C LEU B 113 -1.96 -23.87 -4.39
N LYS B 114 -1.31 -24.92 -4.89
CA LYS B 114 -0.54 -25.81 -4.03
C LYS B 114 0.73 -25.10 -3.53
N GLU B 115 1.47 -24.52 -4.46
CA GLU B 115 2.66 -23.74 -4.13
C GLU B 115 2.23 -22.43 -3.50
N LYS B 116 2.70 -22.17 -2.30
CA LYS B 116 2.30 -20.95 -1.60
C LYS B 116 3.29 -19.84 -1.91
N PRO B 117 2.79 -18.60 -1.99
CA PRO B 117 3.67 -17.44 -2.20
C PRO B 117 4.43 -17.13 -0.92
N LEU B 118 5.59 -16.51 -1.09
CA LEU B 118 6.38 -16.06 0.01
C LEU B 118 5.84 -14.72 0.53
N LEU B 119 5.64 -14.62 1.84
CA LEU B 119 5.14 -13.38 2.43
C LEU B 119 6.25 -12.69 3.21
N ILE B 120 6.64 -11.51 2.74
CA ILE B 120 7.84 -10.81 3.22
C ILE B 120 7.44 -9.50 3.89
N GLY B 121 8.12 -9.16 4.99
CA GLY B 121 7.79 -7.95 5.73
C GLY B 121 8.66 -6.75 5.37
N VAL B 122 8.04 -5.57 5.36
CA VAL B 122 8.75 -4.32 5.22
C VAL B 122 8.90 -3.72 6.61
N THR B 123 10.10 -3.26 6.95
CA THR B 123 10.36 -2.69 8.27
C THR B 123 10.26 -1.17 8.22
N ILE B 124 11.41 -0.50 8.19
CA ILE B 124 11.47 0.95 8.06
C ILE B 124 12.09 1.35 6.71
N LEU B 125 11.32 2.00 5.86
CA LEU B 125 11.82 2.40 4.54
C LEU B 125 13.05 3.29 4.69
N THR B 126 13.99 3.16 3.78
CA THR B 126 15.21 3.95 3.83
C THR B 126 14.91 5.43 3.62
N SER B 127 13.68 5.73 3.22
CA SER B 127 13.27 7.10 2.95
C SER B 127 12.81 7.85 4.19
N LEU B 128 12.67 7.13 5.31
CA LEU B 128 12.35 7.76 6.58
C LEU B 128 13.63 8.20 7.28
N ASP B 129 13.70 9.49 7.60
CA ASP B 129 14.85 10.01 8.33
C ASP B 129 14.54 10.06 9.81
N GLY B 130 15.43 10.69 10.57
CA GLY B 130 15.29 10.80 12.01
C GLY B 130 14.03 11.49 12.49
N SER B 131 13.65 12.59 11.84
CA SER B 131 12.43 13.29 12.24
C SER B 131 11.19 12.48 11.86
N ASP B 132 11.26 11.77 10.74
CA ASP B 132 10.16 10.91 10.33
C ASP B 132 9.92 9.81 11.37
N LEU B 133 11.01 9.28 11.93
CA LEU B 133 10.91 8.25 12.96
C LEU B 133 10.30 8.82 14.23
N LYS B 134 10.68 10.05 14.55
CA LYS B 134 10.15 10.74 15.71
C LYS B 134 8.66 11.09 15.53
N THR B 135 8.26 11.37 14.29
CA THR B 135 6.85 11.60 14.02
C THR B 135 6.02 10.41 14.49
N LEU B 136 6.53 9.20 14.22
CA LEU B 136 5.87 7.96 14.65
C LEU B 136 6.12 7.65 16.12
N GLY B 137 6.94 8.47 16.76
CA GLY B 137 7.24 8.29 18.17
C GLY B 137 8.30 7.25 18.44
N ILE B 138 9.16 7.01 17.45
CA ILE B 138 10.24 6.05 17.59
C ILE B 138 11.49 6.73 18.13
N GLN B 139 11.66 6.68 19.45
CA GLN B 139 12.75 7.41 20.09
C GLN B 139 14.08 6.69 19.87
N GLU B 140 14.02 5.37 19.69
CA GLU B 140 15.22 4.60 19.39
C GLU B 140 15.50 4.71 17.90
N LYS B 141 16.49 3.96 17.40
CA LYS B 141 16.94 4.16 16.03
C LYS B 141 16.98 2.93 15.12
N VAL B 142 17.20 3.18 13.84
CA VAL B 142 16.91 2.22 12.77
C VAL B 142 17.34 0.78 13.07
N PRO B 143 18.65 0.52 13.23
CA PRO B 143 19.07 -0.86 13.43
C PRO B 143 18.21 -1.57 14.47
N ASP B 144 17.91 -0.87 15.56
CA ASP B 144 17.11 -1.41 16.66
C ASP B 144 15.67 -1.73 16.25
N ILE B 145 14.93 -0.70 15.87
CA ILE B 145 13.52 -0.84 15.49
C ILE B 145 13.32 -1.89 14.38
N VAL B 146 14.23 -1.92 13.42
CA VAL B 146 14.21 -2.94 12.39
C VAL B 146 14.30 -4.35 12.97
N CYS B 147 15.23 -4.54 13.91
CA CYS B 147 15.40 -5.85 14.52
C CYS B 147 14.15 -6.22 15.32
N ARG B 148 13.49 -5.21 15.88
CA ARG B 148 12.27 -5.42 16.64
C ARG B 148 11.11 -5.84 15.75
N MSE B 149 10.96 -5.15 14.61
CA MSE B 149 9.91 -5.47 13.67
C MSE B 149 10.15 -6.83 13.03
O MSE B 149 9.21 -7.58 12.75
CB MSE B 149 9.81 -4.39 12.59
CG MSE B 149 9.65 -3.00 13.15
SE MSE B 149 9.35 -1.65 11.80
CE MSE B 149 7.50 -2.02 11.37
N ALA B 150 11.42 -7.15 12.80
CA ALA B 150 11.78 -8.41 12.16
C ALA B 150 11.36 -9.58 13.03
N THR B 151 11.54 -9.42 14.33
CA THR B 151 11.20 -10.42 15.31
C THR B 151 9.70 -10.65 15.33
N LEU B 152 8.95 -9.56 15.37
CA LEU B 152 7.50 -9.59 15.28
C LEU B 152 7.06 -10.32 14.01
N ALA B 153 7.64 -9.93 12.87
CA ALA B 153 7.28 -10.56 11.60
C ALA B 153 7.45 -12.07 11.67
N LYS B 154 8.57 -12.51 12.25
CA LYS B 154 8.86 -13.93 12.41
C LYS B 154 7.82 -14.59 13.31
N SER B 155 7.58 -13.98 14.47
CA SER B 155 6.59 -14.52 15.41
C SER B 155 5.23 -14.65 14.74
N ALA B 156 4.91 -13.69 13.87
CA ALA B 156 3.61 -13.68 13.20
C ALA B 156 3.51 -14.67 12.03
N GLY B 157 4.64 -15.30 11.69
CA GLY B 157 4.64 -16.32 10.65
C GLY B 157 5.01 -15.88 9.23
N LEU B 158 5.52 -14.66 9.08
CA LEU B 158 5.99 -14.22 7.77
C LEU B 158 7.22 -15.01 7.34
N ASP B 159 7.49 -15.06 6.04
CA ASP B 159 8.59 -15.86 5.53
C ASP B 159 9.94 -15.13 5.54
N GLY B 160 9.92 -13.83 5.78
CA GLY B 160 11.15 -13.07 5.76
C GLY B 160 10.91 -11.57 5.79
N VAL B 161 11.99 -10.81 5.62
CA VAL B 161 11.88 -9.36 5.56
C VAL B 161 12.71 -8.79 4.44
N VAL B 162 12.34 -7.58 4.02
CA VAL B 162 13.21 -6.81 3.14
C VAL B 162 14.15 -6.04 4.05
N CYS B 163 15.45 -6.15 3.77
CA CYS B 163 16.44 -5.47 4.59
C CYS B 163 17.68 -5.11 3.77
N SER B 164 18.41 -4.08 4.22
CA SER B 164 19.62 -3.66 3.55
C SER B 164 20.70 -4.69 3.84
N ALA B 165 21.74 -4.71 3.01
CA ALA B 165 22.82 -5.67 3.21
C ALA B 165 23.49 -5.35 4.53
N GLN B 166 23.59 -4.04 4.80
CA GLN B 166 24.18 -3.54 6.04
C GLN B 166 23.35 -3.93 7.26
N GLU B 167 22.16 -4.48 7.03
CA GLU B 167 21.28 -4.96 8.10
C GLU B 167 21.20 -6.49 8.12
N ALA B 168 21.52 -7.11 6.99
CA ALA B 168 21.39 -8.56 6.85
C ALA B 168 22.31 -9.31 7.83
N ALA B 169 23.57 -8.90 7.89
CA ALA B 169 24.52 -9.54 8.80
C ALA B 169 23.94 -9.57 10.22
N LEU B 170 23.39 -8.44 10.65
CA LEU B 170 22.79 -8.35 11.98
C LEU B 170 21.60 -9.30 12.14
N LEU B 171 20.68 -9.27 11.18
CA LEU B 171 19.46 -10.07 11.30
C LEU B 171 19.75 -11.56 11.16
N ARG B 172 20.76 -11.89 10.37
CA ARG B 172 21.13 -13.27 10.12
C ARG B 172 21.66 -13.89 11.41
N LYS B 173 22.32 -13.09 12.24
CA LYS B 173 22.72 -13.56 13.55
C LYS B 173 21.47 -13.91 14.34
N GLN B 174 20.46 -13.04 14.25
CA GLN B 174 19.21 -13.22 15.00
C GLN B 174 18.41 -14.39 14.47
N PHE B 175 18.35 -14.50 13.14
CA PHE B 175 17.55 -15.54 12.49
C PHE B 175 18.42 -16.45 11.64
N ASP B 176 18.36 -17.74 11.93
CA ASP B 176 19.27 -18.71 11.34
C ASP B 176 18.89 -19.11 9.93
N ARG B 177 17.59 -19.34 9.72
CA ARG B 177 17.03 -20.04 8.56
C ARG B 177 15.93 -20.94 9.12
N ASN B 178 14.80 -21.05 8.41
CA ASN B 178 14.55 -20.24 7.24
C ASN B 178 13.90 -18.94 7.65
N PHE B 179 14.59 -17.85 7.35
CA PHE B 179 13.98 -16.55 7.39
C PHE B 179 14.62 -15.81 6.25
N LEU B 180 13.83 -15.51 5.22
CA LEU B 180 14.41 -14.95 4.01
C LEU B 180 14.80 -13.50 4.21
N LEU B 181 16.05 -13.20 3.87
CA LEU B 181 16.50 -11.82 3.83
C LEU B 181 16.56 -11.38 2.37
N VAL B 182 15.68 -10.44 2.02
CA VAL B 182 15.60 -9.91 0.66
C VAL B 182 16.17 -8.49 0.62
N THR B 183 17.20 -8.29 -0.20
CA THR B 183 18.03 -7.09 -0.05
C THR B 183 18.19 -6.26 -1.32
N PRO B 184 17.54 -5.10 -1.35
CA PRO B 184 17.67 -4.12 -2.43
C PRO B 184 18.88 -3.25 -2.19
N GLY B 185 19.09 -2.26 -3.04
CA GLY B 185 20.16 -1.29 -2.85
C GLY B 185 21.51 -1.84 -3.25
N ILE B 186 21.52 -2.86 -4.11
CA ILE B 186 22.77 -3.47 -4.54
C ILE B 186 23.44 -2.64 -5.63
N ARG B 187 24.77 -2.53 -5.56
CA ARG B 187 25.53 -1.81 -6.56
C ARG B 187 26.65 -2.70 -7.10
N LEU B 188 27.05 -2.48 -8.35
CA LEU B 188 28.09 -3.29 -8.98
C LEU B 188 29.49 -2.82 -8.60
N MSE B 200 26.99 -1.78 -1.23
CA MSE B 200 27.06 -3.23 -1.04
C MSE B 200 26.97 -3.98 -2.36
O MSE B 200 26.01 -3.84 -3.12
CB MSE B 200 25.93 -3.70 -0.12
CG MSE B 200 26.07 -3.24 1.32
SE MSE B 200 27.55 -4.09 2.27
CE MSE B 200 26.95 -5.94 2.25
N THR B 201 27.99 -4.79 -2.63
CA THR B 201 28.07 -5.58 -3.86
C THR B 201 27.28 -6.87 -3.74
N PRO B 202 27.02 -7.54 -4.88
CA PRO B 202 26.30 -8.82 -4.83
C PRO B 202 26.97 -9.83 -3.88
N ARG B 203 28.26 -10.06 -4.03
CA ARG B 203 28.96 -11.02 -3.16
C ARG B 203 28.93 -10.61 -1.69
N ALA B 204 29.14 -9.32 -1.43
CA ALA B 204 29.10 -8.79 -0.06
C ALA B 204 27.74 -9.04 0.60
N ALA B 205 26.66 -8.80 -0.14
CA ALA B 205 25.31 -9.01 0.39
C ALA B 205 25.06 -10.47 0.72
N ILE B 206 25.35 -11.35 -0.24
CA ILE B 206 25.17 -12.78 -0.05
C ILE B 206 25.96 -13.26 1.16
N GLN B 207 27.19 -12.81 1.27
CA GLN B 207 28.07 -13.23 2.36
C GLN B 207 27.54 -12.77 3.72
N ALA B 208 26.89 -11.62 3.75
CA ALA B 208 26.28 -11.11 4.97
C ALA B 208 25.03 -11.89 5.34
N GLY B 209 24.39 -12.53 4.37
CA GLY B 209 23.24 -13.39 4.64
C GLY B 209 22.02 -13.23 3.75
N SER B 210 22.08 -12.31 2.81
CA SER B 210 20.98 -12.13 1.87
C SER B 210 20.67 -13.42 1.13
N ASP B 211 19.37 -13.70 0.98
CA ASP B 211 18.89 -14.83 0.22
C ASP B 211 18.52 -14.44 -1.22
N TYR B 212 18.04 -13.20 -1.39
CA TYR B 212 17.71 -12.66 -2.70
C TYR B 212 18.24 -11.23 -2.84
N LEU B 213 18.79 -10.91 -4.00
CA LEU B 213 19.22 -9.54 -4.27
C LEU B 213 18.22 -8.84 -5.19
N VAL B 214 17.77 -7.67 -4.77
CA VAL B 214 16.90 -6.85 -5.61
C VAL B 214 17.78 -5.79 -6.28
N ILE B 215 17.88 -5.86 -7.59
CA ILE B 215 18.79 -5.02 -8.34
C ILE B 215 18.04 -4.31 -9.45
N GLY B 216 18.14 -2.98 -9.49
CA GLY B 216 17.46 -2.19 -10.50
C GLY B 216 18.37 -1.64 -11.59
N ARG B 217 18.66 -0.35 -11.50
CA ARG B 217 19.38 0.37 -12.55
C ARG B 217 20.71 -0.22 -13.03
N PRO B 218 21.51 -0.83 -12.12
CA PRO B 218 22.76 -1.47 -12.55
C PRO B 218 22.52 -2.43 -13.70
N ILE B 219 21.31 -3.01 -13.73
CA ILE B 219 20.91 -3.89 -14.83
C ILE B 219 20.06 -3.15 -15.86
N THR B 220 19.00 -2.46 -15.42
CA THR B 220 18.06 -1.87 -16.38
C THR B 220 18.61 -0.66 -17.14
N GLN B 221 19.57 0.04 -16.56
CA GLN B 221 20.17 1.19 -17.25
C GLN B 221 21.54 0.83 -17.81
N SER B 222 21.85 -0.46 -17.88
CA SER B 222 23.08 -0.94 -18.48
C SER B 222 23.02 -0.91 -20.00
N THR B 223 24.15 -0.69 -20.67
CA THR B 223 24.18 -0.74 -22.13
C THR B 223 23.86 -2.14 -22.64
N ASP B 224 24.12 -3.14 -21.81
CA ASP B 224 23.85 -4.53 -22.17
C ASP B 224 23.32 -5.26 -20.93
N PRO B 225 22.01 -5.11 -20.64
CA PRO B 225 21.43 -5.71 -19.43
C PRO B 225 21.71 -7.20 -19.28
N LEU B 226 21.58 -7.98 -20.36
CA LEU B 226 21.88 -9.40 -20.29
C LEU B 226 23.32 -9.65 -19.80
N LYS B 227 24.28 -8.98 -20.44
CA LYS B 227 25.67 -9.12 -20.07
C LYS B 227 25.85 -8.76 -18.59
N ALA B 228 25.19 -7.69 -18.15
CA ALA B 228 25.27 -7.24 -16.77
C ALA B 228 24.72 -8.29 -15.82
N LEU B 229 23.55 -8.81 -16.16
CA LEU B 229 22.92 -9.86 -15.37
C LEU B 229 23.79 -11.13 -15.32
N GLU B 230 24.35 -11.51 -16.47
CA GLU B 230 25.24 -12.67 -16.52
C GLU B 230 26.45 -12.46 -15.61
N ALA B 231 27.00 -11.25 -15.62
CA ALA B 231 28.18 -10.94 -14.81
C ALA B 231 27.89 -11.05 -13.31
N ILE B 232 26.72 -10.58 -12.89
CA ILE B 232 26.34 -10.68 -11.48
C ILE B 232 26.19 -12.14 -11.07
N ASP B 233 25.48 -12.92 -11.88
CA ASP B 233 25.30 -14.34 -11.60
C ASP B 233 26.64 -15.05 -11.47
N LYS B 234 27.53 -14.81 -12.43
CA LYS B 234 28.86 -15.41 -12.40
C LYS B 234 29.65 -14.97 -11.16
N ASP B 235 29.56 -13.69 -10.80
CA ASP B 235 30.20 -13.15 -9.61
C ASP B 235 29.77 -13.90 -8.35
N ILE B 236 28.46 -14.04 -8.20
CA ILE B 236 27.86 -14.70 -7.04
C ILE B 236 28.29 -16.16 -6.95
N LYS B 237 28.43 -16.81 -8.10
CA LYS B 237 28.70 -18.25 -8.14
C LYS B 237 30.19 -18.57 -8.22
N THR B 238 31.03 -17.54 -8.18
CA THR B 238 32.48 -17.73 -8.21
C THR B 238 32.94 -18.58 -7.03
N ARG B 239 33.77 -19.59 -7.30
CA ARG B 239 34.26 -20.49 -6.26
C ARG B 239 35.77 -20.69 -6.33
#